data_3GNE
#
_entry.id   3GNE
#
_cell.length_a   60.699
_cell.length_b   72.026
_cell.length_c   60.711
_cell.angle_alpha   90.00
_cell.angle_beta   112.35
_cell.angle_gamma   90.00
#
_symmetry.space_group_name_H-M   'P 1 21 1'
#
loop_
_entity.id
_entity.type
_entity.pdbx_description
1 polymer VAL-1
2 non-polymer 'CITRATE ANION'
3 non-polymer GLYCEROL
4 water water
#
_entity_poly.entity_id   1
_entity_poly.type   'polypeptide(L)'
_entity_poly.pdbx_seq_one_letter_code
;TNVISTLDLNLLTKGGGSWNVDGVNMKKSAVTTFDGKRVVKAVYDKNSGTSANPGVGGFSFSAVPDGLNKNAITFAWEVF
YPKGFDFARGGKHGGTFIGHGAASGYQHSKTGASNRIMWQEKGGVIDYIYPPSDLKQKIPGLDPEGHGIGFFQDDFKNAL
KYDVWNRIEIGTKMNTFKNGIPQLDGESYVIVNGKKEVLKRINWSRSPDLLISRFDWNTFFGGPLPSPKNQVAYFTNFQM
KKYELEHHHHHH
;
_entity_poly.pdbx_strand_id   A,B
#
loop_
_chem_comp.id
_chem_comp.type
_chem_comp.name
_chem_comp.formula
FLC non-polymer 'CITRATE ANION' 'C6 H5 O7 -3'
GOL non-polymer GLYCEROL 'C3 H8 O3'
#
# COMPACT_ATOMS: atom_id res chain seq x y z
N ASN A 2 10.53 -24.52 17.21
CA ASN A 2 10.54 -23.05 17.22
C ASN A 2 9.52 -22.39 16.28
N VAL A 3 8.75 -23.21 15.56
CA VAL A 3 7.70 -22.66 14.72
C VAL A 3 6.43 -22.44 15.54
N ILE A 4 5.99 -21.19 15.53
CA ILE A 4 4.75 -20.82 16.19
C ILE A 4 3.57 -21.17 15.30
N SER A 5 3.62 -20.78 14.05
CA SER A 5 2.52 -21.13 13.16
C SER A 5 3.02 -21.01 11.72
N THR A 6 2.28 -21.65 10.84
CA THR A 6 2.61 -21.68 9.41
C THR A 6 1.41 -21.15 8.64
N LEU A 7 1.63 -20.22 7.74
CA LEU A 7 0.52 -19.69 6.96
C LEU A 7 -0.05 -20.76 6.07
N ASP A 8 -1.39 -20.92 6.10
CA ASP A 8 -2.04 -21.79 5.14
C ASP A 8 -2.39 -20.97 3.90
N LEU A 9 -1.69 -21.20 2.79
CA LEU A 9 -1.91 -20.38 1.60
C LEU A 9 -3.29 -20.61 0.98
N ASN A 10 -3.95 -21.72 1.35
CA ASN A 10 -5.33 -21.86 0.88
C ASN A 10 -6.27 -20.87 1.56
N LEU A 11 -5.77 -20.20 2.61
CA LEU A 11 -6.59 -19.13 3.20
C LEU A 11 -6.05 -17.72 2.89
N LEU A 12 -5.09 -17.57 1.97
CA LEU A 12 -4.41 -16.31 1.79
C LEU A 12 -5.38 -15.13 1.55
N THR A 13 -6.43 -15.36 0.77
CA THR A 13 -7.34 -14.23 0.49
C THR A 13 -8.64 -14.42 1.25
N LYS A 14 -8.68 -15.23 2.30
CA LYS A 14 -9.84 -15.51 3.12
C LYS A 14 -9.50 -15.23 4.57
N GLY A 15 -8.48 -14.40 4.85
CA GLY A 15 -8.13 -13.97 6.19
C GLY A 15 -6.89 -14.61 6.76
N GLY A 16 -6.38 -15.68 6.08
CA GLY A 16 -5.11 -16.23 6.51
C GLY A 16 -5.21 -17.01 7.82
N GLY A 17 -6.38 -17.44 8.24
CA GLY A 17 -6.48 -18.15 9.53
C GLY A 17 -5.89 -17.27 10.63
N SER A 18 -5.09 -17.87 11.50
CA SER A 18 -4.61 -17.12 12.65
C SER A 18 -3.56 -16.10 12.21
N TRP A 19 -3.14 -16.06 10.95
CA TRP A 19 -2.20 -15.01 10.55
C TRP A 19 -2.89 -13.65 10.38
N ASN A 20 -4.22 -13.60 10.24
CA ASN A 20 -4.90 -12.29 10.06
C ASN A 20 -4.29 -11.54 8.87
N VAL A 21 -4.29 -12.24 7.73
CA VAL A 21 -3.73 -11.65 6.51
C VAL A 21 -4.68 -10.62 5.95
N ASP A 22 -4.11 -9.48 5.57
CA ASP A 22 -4.94 -8.41 4.99
C ASP A 22 -4.13 -7.77 3.84
N GLY A 23 -4.78 -6.93 3.07
CA GLY A 23 -4.05 -6.16 2.06
C GLY A 23 -3.41 -7.05 1.00
N VAL A 24 -4.03 -8.14 0.61
CA VAL A 24 -3.40 -9.03 -0.41
C VAL A 24 -3.48 -8.36 -1.77
N ASN A 25 -2.33 -8.12 -2.37
CA ASN A 25 -2.32 -7.72 -3.79
C ASN A 25 -1.79 -8.94 -4.55
N MET A 26 -2.70 -9.69 -5.16
CA MET A 26 -2.27 -10.90 -5.90
CA MET A 26 -2.24 -10.89 -5.89
C MET A 26 -1.68 -10.53 -7.27
N LYS A 27 -2.16 -9.44 -7.86
CA LYS A 27 -1.61 -9.01 -9.17
C LYS A 27 -1.76 -10.16 -10.15
N LYS A 28 -0.67 -10.56 -10.83
N LYS A 28 -0.69 -10.57 -10.85
CA LYS A 28 -0.68 -11.68 -11.76
CA LYS A 28 -0.84 -11.74 -11.76
C LYS A 28 -0.19 -12.97 -11.12
C LYS A 28 -0.35 -13.00 -11.09
N SER A 29 0.01 -12.94 -9.81
CA SER A 29 0.48 -14.14 -9.10
C SER A 29 -0.70 -15.04 -8.72
N ALA A 30 -0.39 -16.25 -8.26
CA ALA A 30 -1.45 -17.16 -7.93
C ALA A 30 -0.98 -18.21 -6.92
N VAL A 31 -1.88 -18.56 -6.02
CA VAL A 31 -1.68 -19.75 -5.20
C VAL A 31 -1.90 -20.99 -6.07
N THR A 32 -0.95 -21.91 -6.05
CA THR A 32 -1.00 -23.09 -6.91
C THR A 32 -0.16 -24.15 -6.26
N THR A 33 -0.02 -25.24 -7.03
CA THR A 33 0.82 -26.35 -6.58
C THR A 33 2.02 -26.48 -7.50
N PHE A 34 3.18 -26.63 -6.87
CA PHE A 34 4.41 -26.73 -7.68
C PHE A 34 5.31 -27.64 -6.90
N ASP A 35 5.90 -28.67 -7.53
CA ASP A 35 6.84 -29.56 -6.85
C ASP A 35 6.24 -30.16 -5.58
N GLY A 36 4.94 -30.47 -5.65
CA GLY A 36 4.27 -31.17 -4.56
C GLY A 36 3.94 -30.28 -3.37
N LYS A 37 4.14 -28.98 -3.50
CA LYS A 37 3.91 -28.04 -2.42
C LYS A 37 2.86 -27.00 -2.80
N ARG A 38 2.20 -26.47 -1.76
CA ARG A 38 1.26 -25.37 -1.99
C ARG A 38 2.09 -24.10 -1.99
N VAL A 39 2.08 -23.33 -3.06
CA VAL A 39 2.97 -22.21 -3.21
C VAL A 39 2.22 -21.00 -3.71
N VAL A 40 2.91 -19.83 -3.66
CA VAL A 40 2.49 -18.72 -4.49
C VAL A 40 3.49 -18.65 -5.66
N LYS A 41 2.93 -18.73 -6.88
CA LYS A 41 3.69 -18.48 -8.09
C LYS A 41 3.74 -16.95 -8.26
N ALA A 42 4.88 -16.39 -7.98
CA ALA A 42 5.09 -14.93 -8.12
C ALA A 42 5.45 -14.61 -9.55
N VAL A 43 4.59 -13.84 -10.18
CA VAL A 43 4.79 -13.51 -11.61
C VAL A 43 5.33 -12.12 -11.72
N TYR A 44 6.52 -12.00 -12.30
CA TYR A 44 7.17 -10.70 -12.47
C TYR A 44 7.21 -10.43 -13.96
N ASP A 45 6.34 -9.53 -14.44
CA ASP A 45 6.47 -9.20 -15.87
C ASP A 45 7.70 -8.35 -16.16
N LYS A 46 8.15 -8.40 -17.41
CA LYS A 46 9.18 -7.49 -17.86
C LYS A 46 8.84 -6.04 -17.47
N ASN A 47 9.81 -5.32 -16.98
N ASN A 47 9.81 -5.32 -16.97
CA ASN A 47 9.66 -3.90 -16.65
CA ASN A 47 9.65 -3.91 -16.62
C ASN A 47 8.80 -3.70 -15.40
C ASN A 47 8.70 -3.71 -15.44
N SER A 48 8.57 -4.75 -14.61
CA SER A 48 7.89 -4.58 -13.32
C SER A 48 8.92 -4.35 -12.21
N GLY A 49 8.54 -3.52 -11.22
CA GLY A 49 9.48 -3.32 -10.10
C GLY A 49 8.76 -2.52 -9.06
N THR A 50 9.27 -1.30 -8.86
CA THR A 50 8.56 -0.41 -7.92
C THR A 50 7.50 0.32 -8.73
N SER A 51 6.77 1.23 -8.08
CA SER A 51 5.72 1.99 -8.79
C SER A 51 6.30 2.81 -9.94
N ALA A 52 7.60 3.10 -9.86
CA ALA A 52 8.17 3.89 -10.95
C ALA A 52 8.23 3.16 -12.25
N ASN A 53 8.10 1.81 -12.17
CA ASN A 53 8.18 0.95 -13.36
C ASN A 53 6.78 0.54 -13.78
N PRO A 54 6.53 0.45 -15.09
CA PRO A 54 5.14 0.27 -15.53
C PRO A 54 4.63 -1.14 -15.44
N GLY A 55 5.49 -2.13 -15.39
CA GLY A 55 4.94 -3.51 -15.49
C GLY A 55 4.36 -3.99 -14.20
N VAL A 56 3.58 -5.09 -14.29
CA VAL A 56 2.96 -5.73 -13.14
C VAL A 56 3.90 -6.83 -12.66
N GLY A 57 4.18 -6.82 -11.34
CA GLY A 57 5.01 -7.91 -10.87
C GLY A 57 4.91 -8.15 -9.40
N GLY A 58 5.07 -9.41 -9.04
CA GLY A 58 5.11 -9.87 -7.66
C GLY A 58 3.74 -9.98 -7.04
N PHE A 59 3.76 -9.91 -5.69
CA PHE A 59 2.51 -9.94 -4.91
C PHE A 59 2.85 -9.43 -3.53
N SER A 60 1.81 -9.04 -2.79
CA SER A 60 2.03 -8.54 -1.45
C SER A 60 0.89 -8.95 -0.53
N PHE A 61 1.21 -8.87 0.79
CA PHE A 61 0.15 -9.00 1.80
C PHE A 61 0.77 -8.55 3.13
N SER A 62 -0.11 -8.22 4.10
N SER A 62 -0.13 -8.28 4.09
CA SER A 62 0.42 -8.05 5.46
CA SER A 62 0.30 -8.01 5.46
C SER A 62 -0.25 -9.09 6.35
C SER A 62 -0.31 -9.05 6.38
N ALA A 63 0.35 -9.25 7.54
CA ALA A 63 -0.21 -10.17 8.50
C ALA A 63 0.20 -9.72 9.89
N VAL A 64 -0.67 -9.95 10.85
CA VAL A 64 -0.38 -9.71 12.28
C VAL A 64 -0.77 -11.01 12.99
N PRO A 65 0.07 -12.05 12.93
CA PRO A 65 -0.42 -13.35 13.39
C PRO A 65 -0.65 -13.43 14.86
N ASP A 66 -1.72 -14.21 15.19
CA ASP A 66 -1.89 -14.52 16.62
C ASP A 66 -0.65 -15.24 17.12
N GLY A 67 -0.07 -14.77 18.24
CA GLY A 67 1.17 -15.39 18.71
C GLY A 67 2.39 -14.50 18.40
N LEU A 68 2.15 -13.39 17.67
CA LEU A 68 3.28 -12.47 17.41
C LEU A 68 3.86 -11.92 18.67
N ASN A 69 5.13 -12.20 18.95
CA ASN A 69 5.83 -11.62 20.09
C ASN A 69 6.30 -10.26 19.65
N LYS A 70 5.77 -9.19 20.21
CA LYS A 70 6.08 -7.84 19.70
C LYS A 70 7.49 -7.44 20.04
N ASN A 71 8.14 -8.15 20.97
CA ASN A 71 9.51 -7.79 21.27
C ASN A 71 10.54 -8.56 20.48
N ALA A 72 10.22 -9.71 19.91
CA ALA A 72 11.25 -10.46 19.15
C ALA A 72 10.53 -11.52 18.37
N ILE A 73 10.75 -11.57 17.06
CA ILE A 73 10.09 -12.58 16.27
C ILE A 73 10.89 -12.85 15.01
N THR A 74 10.70 -14.03 14.45
CA THR A 74 11.32 -14.39 13.18
C THR A 74 10.23 -14.78 12.19
N PHE A 75 10.43 -14.39 10.93
CA PHE A 75 9.59 -14.89 9.86
C PHE A 75 10.49 -15.63 8.88
N ALA A 76 9.91 -16.65 8.27
CA ALA A 76 10.71 -17.53 7.40
C ALA A 76 9.85 -17.96 6.22
N TRP A 77 10.50 -18.27 5.12
CA TRP A 77 9.79 -18.73 3.91
C TRP A 77 10.82 -19.45 3.04
N GLU A 78 10.32 -20.13 2.03
CA GLU A 78 11.23 -20.78 1.08
C GLU A 78 10.94 -20.26 -0.31
N VAL A 79 11.99 -20.15 -1.14
CA VAL A 79 11.78 -19.66 -2.52
C VAL A 79 12.56 -20.47 -3.53
N PHE A 80 11.89 -20.78 -4.63
CA PHE A 80 12.43 -21.55 -5.74
C PHE A 80 12.53 -20.63 -6.96
N TYR A 81 13.76 -20.48 -7.44
CA TYR A 81 14.09 -19.72 -8.66
C TYR A 81 14.42 -20.72 -9.76
N PRO A 82 13.56 -20.91 -10.74
CA PRO A 82 13.92 -21.83 -11.82
C PRO A 82 15.19 -21.36 -12.52
N LYS A 83 15.99 -22.30 -13.01
CA LYS A 83 17.15 -21.99 -13.81
C LYS A 83 16.89 -20.92 -14.86
N GLY A 84 17.77 -19.90 -14.96
CA GLY A 84 17.53 -18.87 -15.98
C GLY A 84 16.87 -17.64 -15.39
N PHE A 85 16.37 -17.72 -14.14
CA PHE A 85 15.80 -16.50 -13.57
C PHE A 85 16.86 -15.41 -13.54
N ASP A 86 16.49 -14.21 -13.91
CA ASP A 86 17.45 -13.12 -13.92
C ASP A 86 17.20 -12.23 -12.71
N PHE A 87 18.09 -12.22 -11.75
CA PHE A 87 17.95 -11.44 -10.55
C PHE A 87 18.17 -9.96 -10.73
N ALA A 88 18.59 -9.54 -11.91
CA ALA A 88 18.82 -8.14 -12.22
C ALA A 88 19.76 -7.59 -11.16
N ARG A 89 19.42 -6.44 -10.54
CA ARG A 89 20.31 -5.94 -9.48
C ARG A 89 19.59 -5.91 -8.14
N GLY A 90 18.70 -6.88 -7.91
CA GLY A 90 18.12 -7.13 -6.62
C GLY A 90 16.63 -6.78 -6.55
N GLY A 91 16.02 -7.05 -5.41
CA GLY A 91 14.59 -6.89 -5.23
C GLY A 91 14.23 -7.29 -3.82
N LYS A 92 12.94 -7.22 -3.53
CA LYS A 92 12.47 -7.48 -2.18
C LYS A 92 11.75 -8.82 -2.06
N HIS A 93 11.84 -9.36 -0.84
CA HIS A 93 10.94 -10.43 -0.40
C HIS A 93 9.92 -9.83 0.55
N GLY A 94 10.31 -9.62 1.83
CA GLY A 94 9.42 -9.05 2.81
C GLY A 94 10.14 -9.02 4.14
N GLY A 95 9.39 -8.70 5.20
CA GLY A 95 10.05 -8.64 6.52
C GLY A 95 9.08 -8.05 7.51
N THR A 96 9.66 -7.45 8.53
CA THR A 96 8.90 -6.99 9.67
CA THR A 96 8.98 -7.00 9.74
C THR A 96 8.92 -5.49 9.76
N PHE A 97 7.77 -4.93 10.18
CA PHE A 97 7.67 -3.48 10.44
C PHE A 97 7.49 -3.25 11.94
N ILE A 98 8.07 -2.15 12.39
CA ILE A 98 8.13 -1.73 13.79
CA ILE A 98 8.02 -1.81 13.83
C ILE A 98 7.25 -0.49 13.97
N GLY A 99 6.42 -0.43 15.00
CA GLY A 99 5.74 0.85 15.28
C GLY A 99 4.69 1.14 14.20
N HIS A 100 4.59 2.40 13.86
CA HIS A 100 3.70 2.85 12.77
C HIS A 100 4.39 3.99 12.03
N GLY A 101 3.93 4.36 10.87
CA GLY A 101 4.57 5.45 10.13
C GLY A 101 5.40 4.84 9.01
N ALA A 102 5.68 5.70 8.05
CA ALA A 102 6.47 5.21 6.90
C ALA A 102 7.82 4.67 7.30
N ALA A 103 8.26 3.63 6.62
CA ALA A 103 9.59 3.03 6.82
C ALA A 103 9.90 2.22 5.57
N SER A 104 9.64 2.83 4.44
CA SER A 104 9.92 2.20 3.14
C SER A 104 9.56 3.25 2.09
N GLY A 105 9.83 2.92 0.85
CA GLY A 105 9.33 3.84 -0.21
C GLY A 105 10.04 5.17 -0.17
N TYR A 106 11.32 5.23 0.25
CA TYR A 106 12.10 6.45 0.29
C TYR A 106 11.49 7.45 1.30
N GLN A 107 10.75 6.93 2.27
CA GLN A 107 10.21 7.77 3.34
C GLN A 107 10.55 7.11 4.66
N HIS A 108 10.77 7.95 5.67
CA HIS A 108 11.06 7.53 7.04
C HIS A 108 10.07 8.22 8.00
N SER A 109 10.03 7.73 9.23
CA SER A 109 9.17 8.42 10.20
C SER A 109 9.77 8.23 11.56
N LYS A 110 9.39 9.08 12.50
CA LYS A 110 9.95 9.00 13.84
C LYS A 110 9.50 7.76 14.57
N THR A 111 8.36 7.20 14.12
CA THR A 111 7.69 6.14 14.85
C THR A 111 7.83 4.79 14.22
N GLY A 112 8.45 4.70 13.03
CA GLY A 112 8.40 3.47 12.27
C GLY A 112 9.76 3.01 11.83
N ALA A 113 9.93 1.70 11.69
CA ALA A 113 11.14 1.11 11.12
C ALA A 113 10.75 -0.17 10.39
N SER A 114 11.69 -0.67 9.58
CA SER A 114 11.39 -1.96 8.92
C SER A 114 12.70 -2.74 8.72
N ASN A 115 12.50 -4.06 8.71
CA ASN A 115 13.60 -5.04 8.59
C ASN A 115 13.21 -6.01 7.50
N ARG A 116 13.84 -5.93 6.32
CA ARG A 116 13.40 -6.74 5.21
C ARG A 116 14.55 -7.54 4.61
N ILE A 117 14.17 -8.62 3.93
CA ILE A 117 15.10 -9.33 3.07
C ILE A 117 15.04 -8.76 1.67
N MET A 118 16.20 -8.47 1.10
N MET A 118 16.20 -8.47 1.11
CA MET A 118 16.33 -8.25 -0.33
CA MET A 118 16.34 -8.25 -0.32
C MET A 118 17.24 -9.32 -0.94
C MET A 118 17.19 -9.37 -0.92
N TRP A 119 16.89 -9.68 -2.18
CA TRP A 119 17.86 -10.39 -3.01
C TRP A 119 18.75 -9.35 -3.69
N GLN A 120 19.86 -9.80 -4.25
CA GLN A 120 20.84 -8.96 -4.87
C GLN A 120 21.24 -9.59 -6.20
N GLU A 121 22.10 -8.90 -6.95
CA GLU A 121 22.71 -9.46 -8.12
C GLU A 121 23.22 -10.88 -7.86
N LYS A 122 23.08 -11.72 -8.87
CA LYS A 122 23.62 -13.08 -8.82
C LYS A 122 23.05 -13.88 -7.67
N GLY A 123 21.85 -13.53 -7.19
CA GLY A 123 21.25 -14.34 -6.15
C GLY A 123 21.78 -14.12 -4.77
N GLY A 124 22.45 -12.94 -4.58
CA GLY A 124 22.88 -12.61 -3.20
C GLY A 124 21.69 -12.24 -2.34
N VAL A 125 21.96 -12.09 -1.03
CA VAL A 125 20.95 -11.70 -0.07
C VAL A 125 21.54 -10.62 0.81
N ILE A 126 20.68 -9.69 1.22
CA ILE A 126 21.05 -8.75 2.30
C ILE A 126 19.86 -8.59 3.23
N ASP A 127 20.20 -8.14 4.47
CA ASP A 127 19.27 -7.51 5.37
C ASP A 127 19.09 -6.07 4.91
N TYR A 128 17.88 -5.54 4.94
CA TYR A 128 17.62 -4.21 4.38
C TYR A 128 16.72 -3.43 5.37
N ILE A 129 17.29 -2.43 5.99
CA ILE A 129 16.68 -1.77 7.13
C ILE A 129 16.34 -0.33 6.82
N TYR A 130 15.13 0.12 7.15
CA TYR A 130 14.78 1.53 7.22
C TYR A 130 14.68 1.85 8.72
N PRO A 131 15.61 2.59 9.28
CA PRO A 131 15.50 2.94 10.71
C PRO A 131 14.67 4.20 10.91
N PRO A 132 14.26 4.47 12.16
CA PRO A 132 13.42 5.64 12.40
C PRO A 132 14.15 6.96 12.24
N SER A 133 13.39 7.98 11.82
CA SER A 133 14.05 9.29 11.87
CA SER A 133 13.84 9.35 11.89
C SER A 133 14.19 9.74 13.32
N ASP A 134 15.20 10.58 13.46
CA ASP A 134 15.46 11.28 14.73
C ASP A 134 15.66 10.27 15.83
N LEU A 135 16.38 9.20 15.58
CA LEU A 135 16.64 8.20 16.64
C LEU A 135 18.09 7.84 16.56
N LYS A 136 18.79 8.00 17.68
CA LYS A 136 20.23 7.76 17.69
C LYS A 136 20.55 6.35 17.23
N GLN A 137 21.63 6.19 16.49
CA GLN A 137 22.16 4.87 16.16
C GLN A 137 23.66 4.88 16.45
N LYS A 138 24.25 3.74 16.73
CA LYS A 138 25.70 3.71 16.80
C LYS A 138 26.35 2.96 15.67
N ILE A 139 25.55 2.20 14.91
CA ILE A 139 26.08 1.50 13.74
C ILE A 139 26.33 2.52 12.64
N PRO A 140 27.57 2.60 12.14
CA PRO A 140 27.85 3.60 11.13
C PRO A 140 26.99 3.41 9.89
N GLY A 141 26.42 4.52 9.40
CA GLY A 141 25.63 4.49 8.18
C GLY A 141 24.21 3.98 8.38
N LEU A 142 23.81 3.65 9.63
CA LEU A 142 22.38 3.29 9.85
C LEU A 142 21.59 4.60 9.99
N ASP A 143 21.28 5.20 8.84
CA ASP A 143 20.80 6.56 8.75
C ASP A 143 19.39 6.63 8.15
N PRO A 144 18.46 7.33 8.77
CA PRO A 144 17.10 7.42 8.28
C PRO A 144 16.88 8.48 7.20
N GLU A 145 17.63 8.33 6.12
CA GLU A 145 17.52 9.18 4.97
C GLU A 145 17.66 8.35 3.70
N GLY A 146 17.13 8.82 2.58
CA GLY A 146 17.35 8.09 1.33
C GLY A 146 16.77 6.70 1.35
N HIS A 147 17.44 5.74 0.69
CA HIS A 147 17.02 4.37 0.65
C HIS A 147 17.39 3.65 1.93
N GLY A 148 16.96 2.38 2.02
CA GLY A 148 17.32 1.59 3.20
C GLY A 148 18.80 1.29 3.24
N ILE A 149 19.18 0.67 4.36
CA ILE A 149 20.56 0.34 4.66
C ILE A 149 20.74 -1.18 4.60
N GLY A 150 21.68 -1.62 3.74
CA GLY A 150 21.91 -3.07 3.55
C GLY A 150 23.03 -3.55 4.46
N PHE A 151 22.84 -4.80 4.92
CA PHE A 151 23.89 -5.50 5.68
C PHE A 151 24.01 -6.92 5.15
N PHE A 152 25.22 -7.48 5.32
CA PHE A 152 25.52 -8.89 5.05
C PHE A 152 25.80 -9.15 3.59
N GLN A 153 26.04 -8.11 2.78
CA GLN A 153 26.27 -8.42 1.37
C GLN A 153 27.45 -9.37 1.12
N ASP A 154 28.49 -9.31 1.95
CA ASP A 154 29.63 -10.21 1.72
C ASP A 154 29.41 -11.60 2.28
N ASP A 155 28.33 -11.84 2.99
CA ASP A 155 28.11 -13.12 3.64
C ASP A 155 27.18 -13.99 2.84
N PHE A 156 26.44 -13.47 1.88
CA PHE A 156 25.43 -14.26 1.20
C PHE A 156 25.54 -14.10 -0.30
N LYS A 157 26.77 -13.87 -0.81
N LYS A 157 26.76 -13.92 -0.80
CA LYS A 157 26.89 -13.78 -2.27
CA LYS A 157 26.94 -13.85 -2.25
C LYS A 157 26.42 -15.10 -2.89
C LYS A 157 26.50 -15.13 -2.95
N ASN A 158 25.64 -14.99 -3.96
CA ASN A 158 25.09 -16.12 -4.70
CA ASN A 158 25.16 -16.16 -4.69
C ASN A 158 24.46 -17.16 -3.78
N ALA A 159 23.89 -16.71 -2.67
CA ALA A 159 23.32 -17.67 -1.73
C ALA A 159 22.05 -18.34 -2.28
N LEU A 160 21.32 -17.60 -3.11
CA LEU A 160 20.08 -18.15 -3.69
C LEU A 160 20.43 -18.96 -4.91
N LYS A 161 20.35 -20.28 -4.77
CA LYS A 161 20.69 -21.16 -5.85
C LYS A 161 19.50 -21.42 -6.73
N TYR A 162 19.75 -21.83 -7.99
CA TYR A 162 18.66 -22.21 -8.89
C TYR A 162 18.11 -23.61 -8.64
N ASP A 163 16.82 -23.80 -8.95
CA ASP A 163 16.20 -25.11 -8.98
C ASP A 163 16.22 -25.79 -7.62
N VAL A 164 16.17 -25.05 -6.52
CA VAL A 164 16.14 -25.57 -5.17
C VAL A 164 15.22 -24.73 -4.29
N TRP A 165 14.69 -25.34 -3.24
CA TRP A 165 13.97 -24.55 -2.28
C TRP A 165 14.93 -23.86 -1.35
N ASN A 166 15.18 -22.60 -1.58
CA ASN A 166 16.09 -21.87 -0.68
C ASN A 166 15.32 -21.50 0.58
N ARG A 167 15.90 -21.70 1.74
CA ARG A 167 15.28 -21.40 3.01
C ARG A 167 15.78 -20.07 3.54
N ILE A 168 14.83 -19.14 3.78
CA ILE A 168 15.17 -17.82 4.23
C ILE A 168 14.54 -17.56 5.59
N GLU A 169 15.24 -16.87 6.49
CA GLU A 169 14.59 -16.42 7.72
C GLU A 169 15.08 -14.99 7.99
N ILE A 170 14.23 -14.23 8.67
CA ILE A 170 14.66 -12.94 9.11
C ILE A 170 14.16 -12.74 10.55
N GLY A 171 15.09 -12.48 11.45
CA GLY A 171 14.76 -12.24 12.85
C GLY A 171 14.88 -10.77 13.20
N THR A 172 13.98 -10.35 14.09
CA THR A 172 13.98 -8.97 14.55
C THR A 172 13.83 -8.95 16.06
N LYS A 173 14.71 -8.28 16.80
CA LYS A 173 14.56 -8.23 18.25
C LYS A 173 14.64 -6.77 18.67
N MET A 174 13.56 -6.32 19.32
CA MET A 174 13.53 -4.92 19.74
CA MET A 174 13.50 -4.95 19.79
C MET A 174 14.67 -4.61 20.72
N ASN A 175 15.11 -3.34 20.61
CA ASN A 175 15.93 -2.87 21.72
C ASN A 175 15.11 -2.81 23.00
N THR A 176 15.83 -2.73 24.12
CA THR A 176 15.17 -2.48 25.42
C THR A 176 15.14 -0.99 25.70
N PHE A 177 14.48 -0.59 26.76
CA PHE A 177 14.45 0.80 27.17
C PHE A 177 14.86 0.83 28.63
N LYS A 178 15.57 1.87 29.01
CA LYS A 178 15.87 1.87 30.48
C LYS A 178 15.55 3.29 30.95
N ASN A 179 14.69 3.40 31.92
CA ASN A 179 14.05 4.70 32.16
C ASN A 179 13.64 5.39 30.87
N GLY A 180 13.09 4.64 29.91
CA GLY A 180 12.62 5.33 28.68
C GLY A 180 13.60 5.65 27.59
N ILE A 181 14.90 5.44 27.79
CA ILE A 181 15.90 5.69 26.77
C ILE A 181 16.13 4.42 25.98
N PRO A 182 16.08 4.44 24.67
CA PRO A 182 16.39 3.23 23.91
C PRO A 182 17.84 2.80 24.13
N GLN A 183 18.07 1.50 24.29
CA GLN A 183 19.35 1.02 24.81
C GLN A 183 20.30 0.49 23.73
N LEU A 184 20.06 0.70 22.44
CA LEU A 184 21.03 0.30 21.38
C LEU A 184 21.46 -1.16 21.49
N ASP A 185 20.46 -2.00 21.77
CA ASP A 185 20.70 -3.42 21.99
C ASP A 185 19.68 -4.24 21.21
N GLY A 186 19.03 -3.59 20.22
CA GLY A 186 18.16 -4.34 19.30
C GLY A 186 19.04 -5.15 18.37
N GLU A 187 18.44 -6.11 17.70
CA GLU A 187 19.16 -7.03 16.86
C GLU A 187 18.36 -7.37 15.60
N SER A 188 19.09 -7.87 14.62
CA SER A 188 18.50 -8.44 13.42
C SER A 188 19.30 -9.67 13.05
N TYR A 189 18.67 -10.66 12.42
CA TYR A 189 19.49 -11.73 11.85
C TYR A 189 18.84 -12.20 10.55
N VAL A 190 19.66 -12.75 9.69
CA VAL A 190 19.24 -13.31 8.42
C VAL A 190 19.84 -14.70 8.37
N ILE A 191 18.99 -15.63 7.92
CA ILE A 191 19.45 -16.99 7.65
C ILE A 191 19.13 -17.31 6.20
N VAL A 192 20.13 -17.83 5.47
CA VAL A 192 19.89 -18.32 4.12
C VAL A 192 20.49 -19.72 4.05
N ASN A 193 19.67 -20.73 3.80
CA ASN A 193 20.10 -22.13 3.67
C ASN A 193 21.01 -22.51 4.79
N GLY A 194 20.61 -22.20 6.02
CA GLY A 194 21.28 -22.60 7.22
C GLY A 194 22.39 -21.69 7.67
N LYS A 195 22.85 -20.73 6.85
CA LYS A 195 23.91 -19.81 7.27
C LYS A 195 23.28 -18.56 7.89
N LYS A 196 23.64 -18.25 9.13
CA LYS A 196 23.05 -17.17 9.89
C LYS A 196 24.06 -16.06 10.10
N GLU A 197 23.61 -14.83 9.91
CA GLU A 197 24.38 -13.64 10.28
C GLU A 197 23.54 -12.74 11.18
N VAL A 198 24.14 -12.14 12.18
CA VAL A 198 23.48 -11.31 13.16
C VAL A 198 24.06 -9.90 13.14
N LEU A 199 23.16 -8.93 13.31
CA LEU A 199 23.56 -7.53 13.47
C LEU A 199 23.09 -7.10 14.86
N LYS A 200 23.97 -6.66 15.74
CA LYS A 200 23.55 -6.22 17.07
C LYS A 200 23.71 -4.71 17.18
N ARG A 201 23.14 -4.14 18.23
CA ARG A 201 23.31 -2.72 18.58
C ARG A 201 22.40 -1.72 17.88
N ILE A 202 21.20 -2.21 17.54
CA ILE A 202 20.25 -1.41 16.77
C ILE A 202 19.24 -0.74 17.67
N ASN A 203 18.91 0.52 17.41
CA ASN A 203 17.69 1.12 18.00
C ASN A 203 16.54 0.92 17.01
N TRP A 204 15.58 0.08 17.37
CA TRP A 204 14.43 -0.14 16.49
C TRP A 204 13.31 0.85 16.72
N SER A 205 13.18 1.44 17.92
CA SER A 205 12.13 2.44 18.09
C SER A 205 12.53 3.34 19.25
N ARG A 206 11.77 4.46 19.27
CA ARG A 206 12.09 5.48 20.29
CA ARG A 206 12.09 5.48 20.29
C ARG A 206 11.34 5.34 21.59
N SER A 207 10.37 4.43 21.70
CA SER A 207 9.63 4.36 22.95
C SER A 207 8.96 2.99 23.05
N PRO A 208 8.71 2.52 24.25
CA PRO A 208 8.30 1.12 24.46
C PRO A 208 6.91 0.77 23.98
N ASP A 209 6.15 1.78 23.57
CA ASP A 209 4.84 1.55 22.94
C ASP A 209 4.98 1.23 21.43
N LEU A 210 6.20 1.38 20.91
CA LEU A 210 6.40 1.14 19.46
C LEU A 210 7.19 -0.14 19.30
N LEU A 211 6.53 -1.25 18.98
CA LEU A 211 7.16 -2.55 18.99
C LEU A 211 6.92 -3.18 17.62
N ILE A 212 7.30 -4.46 17.48
CA ILE A 212 7.01 -5.09 16.18
C ILE A 212 5.52 -5.11 15.94
N SER A 213 5.10 -4.66 14.77
CA SER A 213 3.64 -4.47 14.55
C SER A 213 3.10 -5.28 13.43
N ARG A 214 3.88 -5.72 12.43
CA ARG A 214 3.31 -6.58 11.41
C ARG A 214 4.40 -7.29 10.62
N PHE A 215 4.02 -8.36 9.97
CA PHE A 215 4.75 -8.92 8.85
C PHE A 215 4.26 -8.28 7.57
N ASP A 216 5.19 -7.82 6.74
CA ASP A 216 4.80 -7.21 5.50
C ASP A 216 5.53 -7.95 4.38
N TRP A 217 4.76 -8.58 3.52
CA TRP A 217 5.26 -9.28 2.36
C TRP A 217 5.04 -8.39 1.14
N ASN A 218 6.06 -8.11 0.37
CA ASN A 218 5.85 -7.32 -0.85
C ASN A 218 7.04 -7.56 -1.74
N THR A 219 6.86 -8.50 -2.70
CA THR A 219 8.00 -8.94 -3.49
C THR A 219 7.93 -8.28 -4.87
N PHE A 220 9.06 -7.71 -5.27
CA PHE A 220 9.17 -6.96 -6.53
C PHE A 220 10.60 -6.69 -6.81
N PHE A 221 10.94 -6.35 -8.07
CA PHE A 221 12.29 -6.02 -8.42
C PHE A 221 12.65 -4.59 -8.06
N GLY A 222 13.92 -4.42 -7.64
CA GLY A 222 14.45 -3.09 -7.48
C GLY A 222 14.10 -2.45 -6.14
N GLY A 223 14.23 -1.17 -6.10
CA GLY A 223 14.80 -0.36 -7.16
C GLY A 223 16.32 -0.38 -7.20
N PRO A 224 16.86 0.30 -8.23
CA PRO A 224 16.01 0.95 -9.26
C PRO A 224 15.80 0.12 -10.51
N LEU A 225 16.32 -1.11 -10.65
CA LEU A 225 16.05 -1.78 -11.92
C LEU A 225 14.93 -2.79 -11.84
N PRO A 226 14.02 -2.78 -12.83
CA PRO A 226 12.88 -3.69 -12.80
C PRO A 226 13.25 -5.06 -13.38
N SER A 227 12.30 -5.97 -13.40
CA SER A 227 12.56 -7.26 -14.00
C SER A 227 12.90 -7.14 -15.47
N PRO A 228 14.00 -7.77 -15.91
CA PRO A 228 14.40 -7.60 -17.32
C PRO A 228 13.61 -8.46 -18.30
N LYS A 229 12.81 -9.39 -17.79
CA LYS A 229 12.03 -10.28 -18.66
C LYS A 229 10.83 -10.75 -17.87
N ASN A 230 9.85 -11.35 -18.55
CA ASN A 230 8.77 -12.04 -17.87
C ASN A 230 9.34 -13.29 -17.22
N GLN A 231 9.14 -13.44 -15.94
CA GLN A 231 9.72 -14.64 -15.22
C GLN A 231 8.92 -14.87 -13.95
N VAL A 232 9.08 -16.05 -13.37
CA VAL A 232 8.39 -16.43 -12.16
C VAL A 232 9.31 -17.03 -11.13
N ALA A 233 8.93 -16.93 -9.88
CA ALA A 233 9.54 -17.62 -8.77
C ALA A 233 8.43 -18.19 -7.92
N TYR A 234 8.75 -19.17 -7.08
CA TYR A 234 7.72 -19.74 -6.23
C TYR A 234 8.07 -19.58 -4.75
N PHE A 235 7.11 -19.17 -3.96
CA PHE A 235 7.32 -18.99 -2.53
C PHE A 235 6.41 -19.95 -1.76
N THR A 236 6.92 -20.48 -0.66
CA THR A 236 6.12 -21.44 0.10
C THR A 236 6.55 -21.46 1.54
N ASN A 237 5.74 -22.11 2.38
CA ASN A 237 6.10 -22.42 3.74
C ASN A 237 6.43 -21.16 4.53
N PHE A 238 5.54 -20.21 4.51
CA PHE A 238 5.69 -19.00 5.32
C PHE A 238 5.44 -19.35 6.79
N GLN A 239 6.41 -19.08 7.66
CA GLN A 239 6.35 -19.43 9.06
C GLN A 239 6.66 -18.22 9.93
N MET A 240 6.00 -18.26 11.09
CA MET A 240 6.33 -17.32 12.16
CA MET A 240 6.35 -17.32 12.15
C MET A 240 7.06 -18.13 13.23
N LYS A 241 8.24 -17.71 13.65
CA LYS A 241 9.09 -18.53 14.51
C LYS A 241 9.56 -17.73 15.71
N LYS A 242 9.91 -18.46 16.75
CA LYS A 242 10.56 -17.77 17.89
C LYS A 242 11.85 -17.12 17.42
N TYR A 243 12.18 -15.96 17.97
CA TYR A 243 13.52 -15.37 17.77
C TYR A 243 14.55 -16.26 18.50
N GLU A 244 15.51 -16.80 17.76
CA GLU A 244 16.39 -17.81 18.33
CA GLU A 244 16.43 -17.80 18.27
C GLU A 244 17.58 -17.06 18.91
N ASN B 2 -26.23 5.64 -17.58
CA ASN B 2 -24.79 5.88 -17.69
C ASN B 2 -23.96 4.93 -16.83
N VAL B 3 -24.56 3.99 -16.12
CA VAL B 3 -23.84 3.02 -15.28
C VAL B 3 -23.34 1.85 -16.11
N ILE B 4 -22.01 1.66 -16.09
CA ILE B 4 -21.41 0.54 -16.79
C ILE B 4 -21.49 -0.69 -15.93
N SER B 5 -21.12 -0.60 -14.66
CA SER B 5 -21.20 -1.77 -13.79
C SER B 5 -21.25 -1.26 -12.34
N THR B 6 -21.74 -2.11 -11.47
CA THR B 6 -21.86 -1.84 -10.05
C THR B 6 -21.09 -2.91 -9.29
N LEU B 7 -20.23 -2.48 -8.36
CA LEU B 7 -19.48 -3.47 -7.59
C LEU B 7 -20.38 -4.28 -6.68
N ASP B 8 -20.26 -5.61 -6.76
CA ASP B 8 -20.98 -6.46 -5.81
C ASP B 8 -20.13 -6.64 -4.57
N LEU B 9 -20.52 -6.03 -3.48
CA LEU B 9 -19.71 -6.05 -2.26
C LEU B 9 -19.63 -7.46 -1.69
N ASN B 10 -20.55 -8.35 -2.07
CA ASN B 10 -20.40 -9.73 -1.60
C ASN B 10 -19.22 -10.45 -2.25
N LEU B 11 -18.64 -9.79 -3.29
CA LEU B 11 -17.44 -10.35 -3.94
C LEU B 11 -16.20 -9.53 -3.57
N LEU B 12 -16.25 -8.60 -2.62
CA LEU B 12 -15.18 -7.66 -2.41
C LEU B 12 -13.82 -8.33 -2.15
N THR B 13 -13.81 -9.42 -1.40
CA THR B 13 -12.50 -10.06 -1.13
C THR B 13 -12.38 -11.36 -1.94
N LYS B 14 -13.17 -11.51 -2.98
CA LYS B 14 -13.21 -12.71 -3.80
CA LYS B 14 -13.26 -12.71 -3.79
C LYS B 14 -12.97 -12.31 -5.24
N GLY B 15 -12.37 -11.15 -5.49
CA GLY B 15 -12.06 -10.70 -6.83
C GLY B 15 -12.92 -9.61 -7.39
N GLY B 16 -14.07 -9.33 -6.75
CA GLY B 16 -14.92 -8.22 -7.15
C GLY B 16 -15.64 -8.47 -8.48
N GLY B 17 -15.75 -9.72 -8.90
CA GLY B 17 -16.35 -10.00 -10.20
C GLY B 17 -15.65 -9.18 -11.27
N SER B 18 -16.42 -8.50 -12.12
CA SER B 18 -15.81 -7.84 -13.26
C SER B 18 -15.04 -6.60 -12.84
N TRP B 19 -15.08 -6.21 -11.57
CA TRP B 19 -14.28 -5.08 -11.14
C TRP B 19 -12.81 -5.46 -10.94
N ASN B 20 -12.45 -6.74 -10.85
CA ASN B 20 -11.06 -7.14 -10.66
C ASN B 20 -10.47 -6.41 -9.44
N VAL B 21 -11.15 -6.54 -8.33
CA VAL B 21 -10.70 -5.87 -7.08
C VAL B 21 -9.50 -6.59 -6.53
N ASP B 22 -8.51 -5.80 -6.12
CA ASP B 22 -7.31 -6.38 -5.53
C ASP B 22 -6.88 -5.49 -4.37
N GLY B 23 -5.92 -5.95 -3.59
CA GLY B 23 -5.36 -5.10 -2.56
C GLY B 23 -6.33 -4.66 -1.51
N VAL B 24 -7.27 -5.50 -1.13
CA VAL B 24 -8.29 -5.10 -0.13
C VAL B 24 -7.64 -5.06 1.25
N ASN B 25 -7.68 -3.90 1.86
CA ASN B 25 -7.28 -3.80 3.28
C ASN B 25 -8.59 -3.56 4.05
N MET B 26 -9.13 -4.62 4.65
CA MET B 26 -10.40 -4.44 5.35
CA MET B 26 -10.39 -4.44 5.35
C MET B 26 -10.20 -3.81 6.74
N LYS B 27 -9.04 -4.04 7.34
CA LYS B 27 -8.74 -3.44 8.64
C LYS B 27 -9.85 -3.85 9.62
N LYS B 28 -10.48 -2.89 10.31
CA LYS B 28 -11.59 -3.18 11.23
CA LYS B 28 -11.59 -3.28 11.21
C LYS B 28 -12.94 -3.04 10.59
N SER B 29 -12.97 -2.70 9.29
CA SER B 29 -14.22 -2.51 8.54
C SER B 29 -14.83 -3.85 8.15
N ALA B 30 -16.08 -3.81 7.70
CA ALA B 30 -16.72 -5.06 7.33
C ALA B 30 -17.81 -4.81 6.30
N VAL B 31 -17.97 -5.76 5.36
CA VAL B 31 -19.18 -5.81 4.54
C VAL B 31 -20.33 -6.31 5.41
N THR B 32 -21.43 -5.55 5.40
CA THR B 32 -22.56 -5.89 6.26
C THR B 32 -23.79 -5.30 5.62
N THR B 33 -24.89 -5.38 6.36
CA THR B 33 -26.15 -4.81 5.90
C THR B 33 -26.57 -3.66 6.79
N PHE B 34 -26.94 -2.56 6.19
CA PHE B 34 -27.37 -1.41 6.99
C PHE B 34 -28.42 -0.69 6.20
N ASP B 35 -29.54 -0.34 6.85
CA ASP B 35 -30.59 0.41 6.16
C ASP B 35 -31.06 -0.26 4.87
N GLY B 36 -31.10 -1.61 4.88
CA GLY B 36 -31.63 -2.34 3.74
C GLY B 36 -30.67 -2.51 2.60
N LYS B 37 -29.43 -2.10 2.78
CA LYS B 37 -28.43 -2.10 1.72
C LYS B 37 -27.21 -2.92 2.13
N ARG B 38 -26.55 -3.46 1.09
CA ARG B 38 -25.27 -4.09 1.31
C ARG B 38 -24.19 -2.99 1.31
N VAL B 39 -23.46 -2.88 2.38
CA VAL B 39 -22.57 -1.77 2.59
C VAL B 39 -21.22 -2.27 3.10
N VAL B 40 -20.25 -1.31 3.06
CA VAL B 40 -19.08 -1.51 3.91
C VAL B 40 -19.25 -0.54 5.07
N LYS B 41 -19.22 -1.10 6.30
CA LYS B 41 -19.13 -0.31 7.51
C LYS B 41 -17.65 0.04 7.69
N ALA B 42 -17.35 1.30 7.43
CA ALA B 42 -15.96 1.81 7.60
C ALA B 42 -15.74 2.21 9.03
N VAL B 43 -14.82 1.54 9.68
CA VAL B 43 -14.57 1.77 11.11
C VAL B 43 -13.33 2.62 11.25
N TYR B 44 -13.48 3.78 11.84
CA TYR B 44 -12.35 4.69 12.03
C TYR B 44 -12.10 4.76 13.53
N ASP B 45 -11.03 4.12 14.01
CA ASP B 45 -10.75 4.30 15.45
C ASP B 45 -10.18 5.69 15.73
N LYS B 46 -10.31 6.07 17.00
CA LYS B 46 -9.67 7.30 17.46
CA LYS B 46 -9.66 7.28 17.47
C LYS B 46 -8.19 7.28 17.07
N ASN B 47 -7.68 8.39 16.58
CA ASN B 47 -6.27 8.56 16.27
CA ASN B 47 -6.27 8.54 16.28
C ASN B 47 -5.86 7.71 15.08
N SER B 48 -6.84 7.33 14.23
CA SER B 48 -6.54 6.72 12.95
C SER B 48 -6.52 7.79 11.86
N GLY B 49 -5.61 7.61 10.89
CA GLY B 49 -5.58 8.57 9.78
C GLY B 49 -4.64 8.06 8.74
N THR B 50 -3.57 8.82 8.55
CA THR B 50 -2.54 8.35 7.63
C THR B 50 -1.59 7.44 8.41
N SER B 51 -0.54 6.95 7.78
CA SER B 51 0.43 6.08 8.50
C SER B 51 1.10 6.79 9.66
N ALA B 52 1.10 8.11 9.59
CA ALA B 52 1.72 8.84 10.68
C ALA B 52 0.95 8.74 11.98
N ASN B 53 -0.33 8.32 11.90
CA ASN B 53 -1.17 8.22 13.11
C ASN B 53 -1.29 6.75 13.48
N PRO B 54 -1.34 6.46 14.77
CA PRO B 54 -1.20 5.05 15.20
C PRO B 54 -2.47 4.25 15.09
N GLY B 55 -3.66 4.86 15.01
CA GLY B 55 -4.90 4.08 15.11
C GLY B 55 -5.22 3.37 13.80
N VAL B 56 -6.11 2.37 13.87
CA VAL B 56 -6.59 1.66 12.72
C VAL B 56 -7.85 2.36 12.21
N GLY B 57 -7.88 2.65 10.91
CA GLY B 57 -9.11 3.30 10.43
C GLY B 57 -9.33 3.10 8.96
N GLY B 58 -10.61 2.99 8.60
CA GLY B 58 -11.00 2.96 7.19
C GLY B 58 -10.82 1.60 6.54
N PHE B 59 -10.78 1.63 5.22
CA PHE B 59 -10.49 0.42 4.44
C PHE B 59 -10.06 0.89 3.06
N SER B 60 -9.47 -0.07 2.31
CA SER B 60 -9.00 0.29 0.99
C SER B 60 -9.13 -0.90 0.04
N PHE B 61 -9.11 -0.55 -1.26
CA PHE B 61 -9.01 -1.59 -2.31
C PHE B 61 -8.70 -0.88 -3.60
N SER B 62 -8.20 -1.67 -4.58
CA SER B 62 -8.11 -1.12 -5.94
C SER B 62 -8.95 -1.98 -6.88
N ALA B 63 -9.24 -1.38 -8.03
CA ALA B 63 -10.02 -2.14 -9.00
C ALA B 63 -9.63 -1.61 -10.36
N VAL B 64 -9.65 -2.49 -11.36
CA VAL B 64 -9.48 -2.13 -12.76
C VAL B 64 -10.66 -2.78 -13.49
N PRO B 65 -11.87 -2.20 -13.45
CA PRO B 65 -13.01 -2.96 -13.91
C PRO B 65 -13.03 -3.18 -15.39
N ASP B 66 -13.55 -4.35 -15.78
CA ASP B 66 -13.78 -4.56 -17.22
C ASP B 66 -14.77 -3.51 -17.70
N GLY B 67 -14.44 -2.85 -18.81
CA GLY B 67 -15.32 -1.77 -19.26
C GLY B 67 -14.71 -0.39 -18.93
N LEU B 68 -13.60 -0.38 -18.17
CA LEU B 68 -12.94 0.90 -17.86
C LEU B 68 -12.56 1.62 -19.15
N ASN B 69 -13.04 2.79 -19.38
CA ASN B 69 -12.62 3.61 -20.53
C ASN B 69 -11.40 4.39 -20.07
N LYS B 70 -10.22 4.10 -20.61
CA LYS B 70 -8.97 4.68 -20.10
C LYS B 70 -8.87 6.16 -20.44
N ASN B 71 -9.72 6.65 -21.36
CA ASN B 71 -9.65 8.06 -21.66
C ASN B 71 -10.64 8.88 -20.83
N ALA B 72 -11.70 8.29 -20.28
CA ALA B 72 -12.66 9.11 -19.55
C ALA B 72 -13.58 8.18 -18.79
N ILE B 73 -13.68 8.40 -17.47
CA ILE B 73 -14.50 7.51 -16.70
C ILE B 73 -14.92 8.25 -15.43
N THR B 74 -16.05 7.78 -14.90
CA THR B 74 -16.58 8.30 -13.64
C THR B 74 -16.73 7.14 -12.66
N PHE B 75 -16.42 7.39 -11.40
CA PHE B 75 -16.70 6.44 -10.33
C PHE B 75 -17.63 7.14 -9.36
N ALA B 76 -18.51 6.36 -8.77
CA ALA B 76 -19.56 6.96 -7.88
C ALA B 76 -19.78 6.02 -6.73
N TRP B 77 -20.27 6.55 -5.60
CA TRP B 77 -20.58 5.75 -4.42
C TRP B 77 -21.52 6.57 -3.54
N GLU B 78 -22.10 5.92 -2.53
CA GLU B 78 -22.93 6.68 -1.59
C GLU B 78 -22.38 6.49 -0.20
N VAL B 79 -22.52 7.49 0.66
CA VAL B 79 -21.98 7.39 2.01
C VAL B 79 -22.97 7.98 3.00
N PHE B 80 -23.12 7.26 4.11
CA PHE B 80 -24.00 7.62 5.20
C PHE B 80 -23.13 7.88 6.44
N TYR B 81 -23.25 9.10 6.94
CA TYR B 81 -22.60 9.55 8.18
C TYR B 81 -23.66 9.67 9.27
N PRO B 82 -23.67 8.78 10.26
CA PRO B 82 -24.63 8.92 11.32
C PRO B 82 -24.44 10.26 12.03
N LYS B 83 -25.57 10.81 12.51
CA LYS B 83 -25.52 12.00 13.31
C LYS B 83 -24.46 11.96 14.37
N GLY B 84 -23.68 13.04 14.48
CA GLY B 84 -22.63 12.99 15.51
C GLY B 84 -21.28 12.66 14.94
N PHE B 85 -21.19 12.18 13.69
CA PHE B 85 -19.87 11.87 13.12
C PHE B 85 -19.03 13.12 13.14
N ASP B 86 -17.78 13.02 13.50
CA ASP B 86 -16.93 14.20 13.55
C ASP B 86 -15.98 14.15 12.34
N PHE B 87 -16.18 15.05 11.39
CA PHE B 87 -15.36 15.11 10.20
C PHE B 87 -13.97 15.63 10.42
N ALA B 88 -13.65 16.10 11.64
CA ALA B 88 -12.34 16.63 11.94
C ALA B 88 -12.01 17.68 10.89
N ARG B 89 -10.81 17.59 10.25
CA ARG B 89 -10.48 18.59 9.24
C ARG B 89 -10.30 17.93 7.90
N GLY B 90 -11.05 16.84 7.65
CA GLY B 90 -11.12 16.26 6.32
C GLY B 90 -10.48 14.86 6.26
N GLY B 91 -10.62 14.24 5.10
CA GLY B 91 -10.15 12.85 4.93
C GLY B 91 -10.42 12.43 3.51
N LYS B 92 -10.08 11.21 3.19
CA LYS B 92 -10.20 10.70 1.85
C LYS B 92 -11.36 9.72 1.68
N HIS B 93 -11.93 9.74 0.46
CA HIS B 93 -12.76 8.61 0.00
C HIS B 93 -11.94 7.76 -0.96
N GLY B 94 -11.80 8.20 -2.22
CA GLY B 94 -11.05 7.45 -3.22
C GLY B 94 -11.17 8.21 -4.54
N GLY B 95 -10.66 7.54 -5.58
CA GLY B 95 -10.74 8.23 -6.91
C GLY B 95 -9.96 7.41 -7.90
N THR B 96 -9.47 8.09 -8.90
CA THR B 96 -8.83 7.47 -10.04
CA THR B 96 -8.86 7.52 -10.08
C THR B 96 -7.39 7.85 -10.10
N PHE B 97 -6.58 6.86 -10.53
CA PHE B 97 -5.16 7.05 -10.80
C PHE B 97 -4.87 6.93 -12.27
N ILE B 98 -3.90 7.74 -12.71
CA ILE B 98 -3.55 7.84 -14.14
C ILE B 98 -2.12 7.33 -14.26
N GLY B 99 -1.87 6.53 -15.30
CA GLY B 99 -0.45 6.19 -15.55
C GLY B 99 0.01 5.19 -14.51
N HIS B 100 1.28 5.35 -14.17
CA HIS B 100 1.90 4.58 -13.07
C HIS B 100 2.86 5.51 -12.34
N GLY B 101 3.31 5.09 -11.19
CA GLY B 101 4.19 5.95 -10.40
C GLY B 101 3.42 6.60 -9.27
N ALA B 102 4.18 7.06 -8.30
CA ALA B 102 3.58 7.72 -7.15
C ALA B 102 2.75 8.93 -7.55
N ALA B 103 1.62 9.13 -6.89
CA ALA B 103 0.75 10.26 -7.07
C ALA B 103 -0.13 10.40 -5.84
N SER B 104 0.52 10.27 -4.69
CA SER B 104 -0.15 10.39 -3.41
C SER B 104 0.93 10.27 -2.34
N GLY B 105 0.56 10.43 -1.09
CA GLY B 105 1.52 10.13 -0.02
C GLY B 105 2.67 11.11 -0.03
N TYR B 106 2.46 12.34 -0.44
CA TYR B 106 3.48 13.38 -0.46
C TYR B 106 4.58 13.03 -1.46
N GLN B 107 4.24 12.18 -2.44
CA GLN B 107 5.18 11.84 -3.51
C GLN B 107 4.49 12.08 -4.84
N HIS B 108 5.25 12.46 -5.84
CA HIS B 108 4.82 12.71 -7.21
C HIS B 108 5.69 11.90 -8.17
N SER B 109 5.27 11.76 -9.42
CA SER B 109 6.11 11.07 -10.38
C SER B 109 5.85 11.64 -11.75
N LYS B 110 6.78 11.44 -12.67
CA LYS B 110 6.57 12.00 -14.00
C LYS B 110 5.44 11.31 -14.77
N THR B 111 5.13 10.09 -14.33
CA THR B 111 4.26 9.19 -15.09
C THR B 111 2.89 9.03 -14.47
N GLY B 112 2.68 9.60 -13.27
CA GLY B 112 1.49 9.28 -12.51
C GLY B 112 0.73 10.50 -12.05
N ALA B 113 -0.60 10.36 -11.94
CA ALA B 113 -1.43 11.40 -11.37
C ALA B 113 -2.60 10.75 -10.66
N SER B 114 -3.29 11.55 -9.83
CA SER B 114 -4.50 10.99 -9.20
C SER B 114 -5.53 12.09 -9.00
N ASN B 115 -6.78 11.63 -9.00
CA ASN B 115 -7.96 12.49 -8.87
C ASN B 115 -8.86 11.86 -7.81
N ARG B 116 -8.91 12.47 -6.63
CA ARG B 116 -9.63 11.87 -5.52
C ARG B 116 -10.66 12.80 -4.94
N ILE B 117 -11.64 12.18 -4.27
CA ILE B 117 -12.56 12.95 -3.43
C ILE B 117 -11.99 13.01 -2.02
N MET B 118 -11.98 14.18 -1.44
CA MET B 118 -11.81 14.33 0.00
C MET B 118 -13.05 14.98 0.59
N TRP B 119 -13.33 14.55 1.86
CA TRP B 119 -14.23 15.36 2.66
C TRP B 119 -13.42 16.42 3.37
N GLN B 120 -14.15 17.37 3.95
CA GLN B 120 -13.55 18.53 4.59
C GLN B 120 -14.24 18.79 5.94
N GLU B 121 -13.73 19.76 6.67
CA GLU B 121 -14.43 20.21 7.86
C GLU B 121 -15.94 20.39 7.57
N LYS B 122 -16.74 20.05 8.54
CA LYS B 122 -18.16 20.28 8.52
C LYS B 122 -18.84 19.56 7.37
N GLY B 123 -18.25 18.48 6.88
CA GLY B 123 -18.91 17.73 5.82
C GLY B 123 -18.76 18.33 4.45
N GLY B 124 -17.77 19.23 4.24
CA GLY B 124 -17.51 19.71 2.89
C GLY B 124 -16.85 18.64 2.03
N VAL B 125 -16.73 18.97 0.74
CA VAL B 125 -16.13 18.06 -0.21
C VAL B 125 -15.22 18.90 -1.10
N ILE B 126 -14.12 18.29 -1.52
CA ILE B 126 -13.28 18.88 -2.56
C ILE B 126 -12.85 17.78 -3.53
N ASP B 127 -12.48 18.22 -4.76
CA ASP B 127 -11.65 17.45 -5.66
C ASP B 127 -10.21 17.57 -5.18
N TYR B 128 -9.40 16.52 -5.22
CA TYR B 128 -8.05 16.57 -4.65
C TYR B 128 -7.10 15.87 -5.61
N ILE B 129 -6.24 16.63 -6.22
CA ILE B 129 -5.45 16.16 -7.37
C ILE B 129 -3.98 16.15 -7.05
N TYR B 130 -3.28 15.07 -7.36
CA TYR B 130 -1.82 15.04 -7.42
C TYR B 130 -1.49 15.02 -8.92
N PRO B 131 -0.95 16.09 -9.47
CA PRO B 131 -0.57 16.10 -10.90
C PRO B 131 0.83 15.55 -11.08
N PRO B 132 1.19 15.21 -12.33
CA PRO B 132 2.52 14.65 -12.56
C PRO B 132 3.65 15.66 -12.39
N SER B 133 4.80 15.14 -11.93
CA SER B 133 6.02 15.90 -11.98
C SER B 133 6.41 16.32 -13.40
N ASP B 134 7.00 17.50 -13.50
CA ASP B 134 7.64 17.89 -14.75
C ASP B 134 6.63 17.90 -15.89
N LEU B 135 5.42 18.36 -15.65
CA LEU B 135 4.39 18.43 -16.72
C LEU B 135 3.72 19.77 -16.66
N LYS B 136 3.73 20.48 -17.79
CA LYS B 136 3.13 21.82 -17.77
C LYS B 136 1.69 21.81 -17.32
N GLN B 137 1.34 22.86 -16.56
CA GLN B 137 -0.08 23.09 -16.25
C GLN B 137 -0.40 24.54 -16.53
N LYS B 138 -1.62 24.90 -16.83
CA LYS B 138 -2.01 26.32 -16.89
C LYS B 138 -2.86 26.74 -15.73
N ILE B 139 -3.43 25.80 -14.99
CA ILE B 139 -4.23 26.13 -13.84
C ILE B 139 -3.31 26.60 -12.73
N PRO B 140 -3.48 27.82 -12.25
CA PRO B 140 -2.57 28.31 -11.22
C PRO B 140 -2.58 27.43 -9.97
N GLY B 141 -1.40 27.11 -9.45
CA GLY B 141 -1.36 26.29 -8.27
C GLY B 141 -1.46 24.77 -8.50
N LEU B 142 -1.68 24.33 -9.75
CA LEU B 142 -1.72 22.86 -9.95
C LEU B 142 -0.29 22.36 -10.07
N ASP B 143 0.34 22.17 -8.92
CA ASP B 143 1.77 21.99 -8.84
C ASP B 143 2.15 20.64 -8.24
N PRO B 144 3.07 19.89 -8.87
CA PRO B 144 3.42 18.56 -8.41
C PRO B 144 4.48 18.58 -7.32
N GLU B 145 4.15 19.27 -6.22
CA GLU B 145 5.02 19.33 -5.04
C GLU B 145 4.18 19.27 -3.76
N GLY B 146 4.76 18.88 -2.65
CA GLY B 146 3.94 18.97 -1.42
C GLY B 146 2.72 18.06 -1.48
N HIS B 147 1.64 18.47 -0.83
CA HIS B 147 0.39 17.76 -0.80
C HIS B 147 -0.37 17.99 -2.11
N GLY B 148 -1.51 17.30 -2.21
CA GLY B 148 -2.33 17.46 -3.40
C GLY B 148 -2.99 18.86 -3.43
N ILE B 149 -3.67 19.09 -4.52
CA ILE B 149 -4.27 20.38 -4.83
C ILE B 149 -5.79 20.22 -4.76
N GLY B 150 -6.40 21.05 -3.93
CA GLY B 150 -7.88 20.96 -3.78
C GLY B 150 -8.60 21.94 -4.65
N PHE B 151 -9.78 21.49 -5.12
CA PHE B 151 -10.69 22.36 -5.88
C PHE B 151 -12.11 22.17 -5.36
N PHE B 152 -12.90 23.24 -5.54
CA PHE B 152 -14.35 23.23 -5.28
C PHE B 152 -14.70 23.45 -3.81
N GLN B 153 -13.74 23.91 -2.99
CA GLN B 153 -14.08 24.04 -1.58
C GLN B 153 -15.27 24.95 -1.34
N ASP B 154 -15.44 26.00 -2.16
CA ASP B 154 -16.55 26.94 -1.95
C ASP B 154 -17.86 26.44 -2.54
N ASP B 155 -17.86 25.32 -3.24
CA ASP B 155 -19.06 24.84 -3.92
C ASP B 155 -19.74 23.74 -3.12
N PHE B 156 -19.04 23.12 -2.19
CA PHE B 156 -19.60 21.96 -1.51
C PHE B 156 -19.52 22.06 0.01
N LYS B 157 -19.57 23.32 0.51
CA LYS B 157 -19.50 23.42 1.97
CA LYS B 157 -19.55 23.46 1.96
C LYS B 157 -20.69 22.70 2.60
N ASN B 158 -20.42 21.93 3.64
CA ASN B 158 -21.44 21.16 4.36
C ASN B 158 -22.25 20.30 3.41
N ALA B 159 -21.69 19.86 2.30
CA ALA B 159 -22.53 19.12 1.35
C ALA B 159 -22.88 17.74 1.89
N LEU B 160 -22.03 17.15 2.71
CA LEU B 160 -22.30 15.83 3.28
C LEU B 160 -23.17 15.98 4.50
N LYS B 161 -24.45 15.62 4.32
CA LYS B 161 -25.41 15.75 5.42
C LYS B 161 -25.41 14.53 6.29
N TYR B 162 -25.89 14.65 7.51
CA TYR B 162 -26.01 13.50 8.42
C TYR B 162 -27.25 12.64 8.15
N ASP B 163 -27.18 11.35 8.44
CA ASP B 163 -28.32 10.46 8.44
C ASP B 163 -28.97 10.40 7.07
N VAL B 164 -28.20 10.50 5.98
CA VAL B 164 -28.68 10.33 4.64
C VAL B 164 -27.64 9.65 3.76
N TRP B 165 -28.15 9.04 2.70
CA TRP B 165 -27.20 8.49 1.74
C TRP B 165 -26.73 9.57 0.79
N ASN B 166 -25.55 10.10 1.07
CA ASN B 166 -25.03 11.14 0.19
C ASN B 166 -24.49 10.50 -1.09
N ARG B 167 -24.80 11.07 -2.22
CA ARG B 167 -24.37 10.52 -3.49
C ARG B 167 -23.17 11.29 -3.99
N ILE B 168 -22.06 10.61 -4.25
N ILE B 168 -22.06 10.60 -4.22
CA ILE B 168 -20.86 11.28 -4.74
CA ILE B 168 -20.78 11.13 -4.63
C ILE B 168 -20.38 10.64 -6.03
C ILE B 168 -20.44 10.64 -6.05
N GLU B 169 -19.91 11.50 -6.94
CA GLU B 169 -19.31 10.98 -8.17
C GLU B 169 -18.03 11.77 -8.43
N ILE B 170 -17.10 11.11 -9.07
CA ILE B 170 -15.90 11.82 -9.52
C ILE B 170 -15.56 11.37 -10.95
N GLY B 171 -15.50 12.37 -11.83
CA GLY B 171 -15.23 12.13 -13.24
C GLY B 171 -13.80 12.56 -13.59
N THR B 172 -13.18 11.81 -14.49
CA THR B 172 -11.83 12.07 -14.92
C THR B 172 -11.78 11.95 -16.44
N LYS B 173 -11.30 12.95 -17.12
CA LYS B 173 -11.20 12.88 -18.59
C LYS B 173 -9.78 13.25 -18.96
N MET B 174 -9.08 12.31 -19.61
N MET B 174 -9.09 12.32 -19.63
CA MET B 174 -7.73 12.59 -20.05
CA MET B 174 -7.73 12.56 -20.07
C MET B 174 -7.67 13.81 -20.95
C MET B 174 -7.61 13.72 -21.03
N ASN B 175 -6.53 14.52 -20.88
CA ASN B 175 -6.22 15.42 -21.98
C ASN B 175 -6.00 14.61 -23.25
N THR B 176 -6.02 15.34 -24.38
CA THR B 176 -5.62 14.76 -25.66
C THR B 176 -4.16 15.12 -25.93
N PHE B 177 -3.57 14.65 -27.00
CA PHE B 177 -2.22 14.89 -27.44
C PHE B 177 -2.25 15.28 -28.90
N LYS B 178 -1.54 16.33 -29.24
CA LYS B 178 -1.45 16.65 -30.69
C LYS B 178 0.02 16.59 -31.02
N ASN B 179 0.43 15.76 -31.96
CA ASN B 179 1.86 15.57 -32.18
C ASN B 179 2.62 15.20 -30.91
N GLY B 180 2.08 14.39 -30.01
CA GLY B 180 2.72 14.03 -28.75
C GLY B 180 2.77 15.08 -27.66
N ILE B 181 2.23 16.27 -27.91
CA ILE B 181 2.24 17.32 -26.90
C ILE B 181 0.95 17.27 -26.13
N PRO B 182 0.90 17.13 -24.82
CA PRO B 182 -0.39 17.11 -24.10
C PRO B 182 -1.14 18.42 -24.29
N GLN B 183 -2.46 18.39 -24.48
CA GLN B 183 -3.15 19.59 -24.96
C GLN B 183 -3.91 20.40 -23.93
N LEU B 184 -3.70 20.19 -22.61
CA LEU B 184 -4.25 21.05 -21.57
C LEU B 184 -5.77 21.15 -21.69
N ASP B 185 -6.36 19.98 -21.95
CA ASP B 185 -7.80 19.93 -22.21
C ASP B 185 -8.39 18.74 -21.46
N GLY B 186 -7.62 18.23 -20.47
CA GLY B 186 -8.22 17.23 -19.57
C GLY B 186 -9.18 17.92 -18.62
N GLU B 187 -10.00 17.10 -17.97
CA GLU B 187 -11.07 17.58 -17.13
C GLU B 187 -11.23 16.69 -15.90
N SER B 188 -11.89 17.29 -14.90
CA SER B 188 -12.34 16.60 -13.72
C SER B 188 -13.71 17.12 -13.36
N TYR B 189 -14.53 16.27 -12.74
CA TYR B 189 -15.75 16.84 -12.18
C TYR B 189 -16.09 16.10 -10.90
N VAL B 190 -16.82 16.76 -10.05
CA VAL B 190 -17.27 16.21 -8.77
C VAL B 190 -18.78 16.49 -8.73
N ILE B 191 -19.52 15.47 -8.32
CA ILE B 191 -20.92 15.61 -8.05
C ILE B 191 -21.17 15.20 -6.61
N VAL B 192 -21.91 16.08 -5.89
CA VAL B 192 -22.35 15.70 -4.55
C VAL B 192 -23.86 15.97 -4.47
N ASN B 193 -24.66 14.94 -4.21
CA ASN B 193 -26.13 15.06 -4.13
C ASN B 193 -26.68 15.87 -5.25
N GLY B 194 -26.25 15.61 -6.47
CA GLY B 194 -26.80 16.22 -7.65
C GLY B 194 -26.17 17.53 -8.12
N LYS B 195 -25.32 18.16 -7.27
CA LYS B 195 -24.65 19.39 -7.68
C LYS B 195 -23.28 19.03 -8.28
N LYS B 196 -23.05 19.48 -9.51
N LYS B 196 -23.03 19.46 -9.52
CA LYS B 196 -21.85 19.15 -10.24
CA LYS B 196 -21.85 19.10 -10.26
C LYS B 196 -20.96 20.39 -10.40
C LYS B 196 -20.95 20.32 -10.52
N GLU B 197 -19.66 20.17 -10.23
CA GLU B 197 -18.67 21.18 -10.57
C GLU B 197 -17.60 20.58 -11.48
N VAL B 198 -17.13 21.34 -12.45
CA VAL B 198 -16.18 20.86 -13.44
C VAL B 198 -14.93 21.73 -13.40
N LEU B 199 -13.79 21.06 -13.57
CA LEU B 199 -12.51 21.75 -13.69
C LEU B 199 -11.95 21.40 -15.09
N LYS B 200 -11.72 22.34 -15.95
CA LYS B 200 -11.20 22.04 -17.26
C LYS B 200 -9.77 22.51 -17.37
N ARG B 201 -9.07 22.09 -18.40
CA ARG B 201 -7.74 22.58 -18.71
C ARG B 201 -6.57 21.87 -18.03
N ILE B 202 -6.79 20.61 -17.72
CA ILE B 202 -5.81 19.85 -16.97
C ILE B 202 -4.92 19.00 -17.90
N ASN B 203 -3.62 18.97 -17.61
CA ASN B 203 -2.76 17.92 -18.21
C ASN B 203 -2.70 16.75 -17.22
N TRP B 204 -3.29 15.63 -17.59
CA TRP B 204 -3.29 14.44 -16.72
C TRP B 204 -2.08 13.56 -16.95
N SER B 205 -1.46 13.56 -18.15
CA SER B 205 -0.27 12.77 -18.31
C SER B 205 0.53 13.33 -19.47
N ARG B 206 1.78 12.85 -19.49
CA ARG B 206 2.73 13.42 -20.47
C ARG B 206 2.74 12.67 -21.80
N SER B 207 2.05 11.52 -21.90
CA SER B 207 2.12 10.80 -23.16
C SER B 207 0.93 9.86 -23.28
N PRO B 208 0.59 9.54 -24.52
CA PRO B 208 -0.66 8.84 -24.75
C PRO B 208 -0.65 7.41 -24.27
N ASP B 209 0.52 6.91 -23.86
CA ASP B 209 0.54 5.59 -23.24
C ASP B 209 0.20 5.67 -21.74
N LEU B 210 0.06 6.87 -21.18
CA LEU B 210 -0.24 6.99 -19.74
C LEU B 210 -1.68 7.45 -19.61
N LEU B 211 -2.60 6.56 -19.28
CA LEU B 211 -4.03 6.85 -19.31
C LEU B 211 -4.63 6.44 -17.98
N ILE B 212 -5.94 6.56 -17.85
CA ILE B 212 -6.52 6.14 -16.55
C ILE B 212 -6.22 4.67 -16.33
N SER B 213 -5.69 4.33 -15.15
CA SER B 213 -5.23 2.97 -14.95
C SER B 213 -5.91 2.25 -13.84
N ARG B 214 -6.51 2.90 -12.84
CA ARG B 214 -7.26 2.12 -11.84
C ARG B 214 -8.17 3.03 -11.06
N PHE B 215 -9.15 2.41 -10.43
CA PHE B 215 -9.86 3.01 -9.30
C PHE B 215 -9.13 2.65 -8.03
N ASP B 216 -8.90 3.64 -7.16
CA ASP B 216 -8.23 3.38 -5.91
C ASP B 216 -9.12 3.90 -4.80
N TRP B 217 -9.57 2.99 -3.95
CA TRP B 217 -10.36 3.34 -2.81
C TRP B 217 -9.48 3.32 -1.57
N ASN B 218 -9.46 4.38 -0.80
CA ASN B 218 -8.64 4.28 0.44
C ASN B 218 -9.14 5.37 1.34
N THR B 219 -10.01 4.98 2.28
CA THR B 219 -10.70 6.00 3.10
C THR B 219 -10.05 6.05 4.47
N PHE B 220 -9.73 7.30 4.88
CA PHE B 220 -9.03 7.54 6.15
C PHE B 220 -9.11 9.01 6.43
N PHE B 221 -8.88 9.37 7.72
CA PHE B 221 -8.84 10.76 8.09
C PHE B 221 -7.52 11.44 7.75
N GLY B 222 -7.64 12.72 7.33
CA GLY B 222 -6.44 13.52 7.23
C GLY B 222 -5.72 13.34 5.90
N GLY B 223 -4.46 13.73 5.83
CA GLY B 223 -3.80 14.42 6.95
C GLY B 223 -4.15 15.89 6.98
N PRO B 224 -3.59 16.55 8.02
CA PRO B 224 -2.81 15.86 9.06
C PRO B 224 -3.66 15.50 10.25
N LEU B 225 -4.98 15.73 10.37
CA LEU B 225 -5.56 15.29 11.66
C LEU B 225 -6.32 13.98 11.56
N PRO B 226 -6.10 13.08 12.54
CA PRO B 226 -6.73 11.78 12.51
C PRO B 226 -8.15 11.84 13.06
N SER B 227 -8.81 10.70 13.08
CA SER B 227 -10.16 10.67 13.66
C SER B 227 -10.14 11.03 15.12
N PRO B 228 -11.00 11.97 15.57
CA PRO B 228 -10.94 12.37 16.99
C PRO B 228 -11.59 11.39 17.93
N LYS B 229 -12.34 10.42 17.41
CA LYS B 229 -13.05 9.45 18.27
C LYS B 229 -13.25 8.19 17.44
N ASN B 230 -13.59 7.11 18.13
CA ASN B 230 -14.02 5.92 17.41
C ASN B 230 -15.36 6.23 16.75
N GLN B 231 -15.47 5.98 15.48
CA GLN B 231 -16.73 6.30 14.77
C GLN B 231 -16.81 5.50 13.47
N VAL B 232 -17.98 5.39 12.87
CA VAL B 232 -18.19 4.66 11.66
C VAL B 232 -18.96 5.45 10.63
N ALA B 233 -18.77 5.09 9.37
CA ALA B 233 -19.56 5.59 8.27
C ALA B 233 -19.88 4.38 7.39
N TYR B 234 -20.89 4.51 6.55
CA TYR B 234 -21.22 3.38 5.70
C TYR B 234 -21.09 3.78 4.22
N PHE B 235 -20.47 2.93 3.42
CA PHE B 235 -20.36 3.18 1.99
C PHE B 235 -21.07 2.11 1.18
N THR B 236 -21.71 2.49 0.10
CA THR B 236 -22.46 1.51 -0.70
C THR B 236 -22.55 1.95 -2.14
N ASN B 237 -23.03 1.00 -2.98
CA ASN B 237 -23.38 1.34 -4.35
C ASN B 237 -22.22 1.98 -5.11
N PHE B 238 -21.09 1.30 -5.09
CA PHE B 238 -19.94 1.71 -5.89
C PHE B 238 -20.22 1.39 -7.36
N GLN B 239 -20.14 2.41 -8.22
CA GLN B 239 -20.43 2.28 -9.62
C GLN B 239 -19.30 2.86 -10.46
N MET B 240 -19.16 2.24 -11.64
CA MET B 240 -18.35 2.82 -12.69
C MET B 240 -19.29 3.36 -13.76
N LYS B 241 -19.14 4.59 -14.14
CA LYS B 241 -20.11 5.25 -15.03
C LYS B 241 -19.39 5.90 -16.20
N LYS B 242 -20.14 6.11 -17.29
CA LYS B 242 -19.59 6.88 -18.38
C LYS B 242 -19.24 8.30 -17.93
N TYR B 243 -18.20 8.93 -18.43
CA TYR B 243 -17.98 10.36 -18.15
C TYR B 243 -19.10 11.31 -18.74
CAC FLC C . 11.17 0.30 -0.90
CA FLC C . 11.33 1.37 -1.97
CB FLC C . 12.62 1.13 -2.77
CBC FLC C . 13.78 1.21 -1.78
CG FLC C . 12.75 2.22 -3.83
CGC FLC C . 14.01 2.11 -4.71
OA1 FLC C . 11.00 -0.86 -1.25
OA2 FLC C . 11.23 0.66 0.25
OB1 FLC C . 14.34 0.15 -1.48
OB2 FLC C . 14.06 2.33 -1.29
OG1 FLC C . 14.95 1.43 -4.31
OG2 FLC C . 14.01 2.78 -5.77
OHB FLC C . 12.52 -0.14 -3.41
C1 GOL D . 1.19 -1.71 -12.77
O1 GOL D . -0.02 -2.17 -12.11
C2 GOL D . 1.75 -0.66 -11.82
O2 GOL D . 0.90 0.46 -11.68
C3 GOL D . 3.11 -0.25 -12.32
O3 GOL D . 3.66 0.56 -11.32
C1 GOL E . 6.97 -2.23 1.55
O1 GOL E . 7.36 -2.66 0.24
C2 GOL E . 5.49 -1.88 1.60
O2 GOL E . 4.68 -3.08 1.38
C3 GOL E . 5.21 -1.21 2.93
O3 GOL E . 3.83 -0.89 3.03
C1 GOL F . -2.45 -19.97 9.60
O1 GOL F . -2.84 -19.65 8.27
C2 GOL F . -3.02 -21.39 9.82
O2 GOL F . -2.55 -21.90 11.04
C3 GOL F . -4.55 -21.29 9.78
O3 GOL F . -4.87 -20.64 11.02
CAC FLC G . -2.32 11.13 0.61
CA FLC G . -1.31 11.51 1.69
CB FLC G . -1.84 12.69 2.51
CBC FLC G . -2.01 13.86 1.53
CG FLC G . -0.84 13.02 3.61
CGC FLC G . -1.22 14.22 4.49
OA1 FLC G . -3.42 10.72 1.00
OA2 FLC G . -1.99 11.27 -0.54
OB1 FLC G . -3.18 14.19 1.25
OB2 FLC G . -0.98 14.40 1.08
OG1 FLC G . -2.08 15.05 4.13
OG2 FLC G . -0.58 14.33 5.58
OHB FLC G . -3.07 12.34 3.15
C1 GOL H . -3.85 6.52 -1.93
O1 GOL H . -4.38 6.80 -0.62
C2 GOL H . -3.14 5.17 -1.94
O2 GOL H . -4.15 4.12 -1.75
C3 GOL H . -2.55 4.98 -3.34
O3 GOL H . -1.87 3.74 -3.38
C1 GOL I . -19.39 -8.48 -11.75
O1 GOL I . -19.46 -9.81 -11.25
C2 GOL I . -20.08 -7.47 -10.83
O2 GOL I . -20.67 -8.21 -9.75
C3 GOL I . -19.08 -6.45 -10.28
O3 GOL I . -18.75 -6.80 -8.92
C1 GOL J . -1.18 3.02 11.96
O1 GOL J . -0.54 3.76 10.98
C2 GOL J . -1.34 1.60 11.45
O2 GOL J . -0.04 1.03 11.33
C3 GOL J . -2.20 0.82 12.43
O3 GOL J . -2.39 -0.48 11.80
#